data_6XBU
#
_entry.id   6XBU
#
_cell.length_a   99.520
_cell.length_b   99.520
_cell.length_c   193.150
_cell.angle_alpha   90.000
_cell.angle_beta   90.000
_cell.angle_gamma   120.000
#
_symmetry.space_group_name_H-M   'P 31 2 1'
#
loop_
_entity.id
_entity.type
_entity.pdbx_description
1 polymer 'DNA polymerase theta'
2 polymer "DNA (5'-D(P*GP*TP*CP*AP*TP*TP*G)-3')"
3 polymer "RNA (5'-R(P*CP*CP*AP*AP*UP*GP*A)-3')"
4 non-polymer "2'-3'-DIDEOXYGUANOSINE-5'-TRIPHOSPHATE"
#
loop_
_entity_poly.entity_id
_entity_poly.type
_entity_poly.pdbx_seq_one_letter_code
_entity_poly.pdbx_strand_id
1 'polypeptide(L)'
;SSSSESLSIIDVASDQNLFQTFIKEWRCKKRFSISLACEKIRGSGDDTLVVGLAVCWGGRDAYYFSLGGSGGLDPSLTLK
DRMWYLQSCLRKESDKECSVVIYDFIQSYKILLLSCGISLEQSYEDPKVACWLLDPDSQEPTLHSIVTSFLPHELPLLEG
METSQGIQSLGLNAGSEHSGRYRASVESILIFNSMNQLNSLLQKENLQDVFRKVEMPSQYCLALLELNGIGFSTAECESQ
KHIMQAKLDAIETQAYQLAGHSFSFTSSDDIAEVLFLELKLPPGGSGGQFSTSKDVLNKLKALHPLPGLILEWRRITNAI
TKVVFPLQREKCLNPFLGMERIYPVSQSHTATGRITFTEPNIQNVPRDFEIKMGGSGGMPFSISMRHAFVPFPGGSILAA
DYSQLELRILAHLSHDRRLIQVLNTGADVFRSIAAEWKMIEPESVGDDDRQQAKQICYGIIYGMGAKSLGEQMGIKENDA
ACYIDSFKSRYTGINQFMTETVKNCKRDGFVQTILGRRRYLPGIKDNNPYRKAHAERQAINTIVQGSAADIVKIATVNIQ
KQLETFHSTFKSHGHREGMLQSDGGSGGCPIRGGFFILQLHDELLYEVAEEDVVQVAQIVKNEMESAVKLSVKLKVKVKI
GASWGELKDFDV
;
A
2 'polydeoxyribonucleotide' (DG)(DC)(DG)(DG)(DC)(DT)(DG)(DT)(DC)(DA)(DT)(DT)(DG) F
3 'polyribonucleotide' CGUCCAAUGACAGCCGC E
#
# COMPACT_ATOMS: atom_id res chain seq x y z
N GLU A 5 -40.87 13.11 -12.78
CA GLU A 5 -40.86 12.58 -11.38
C GLU A 5 -39.52 11.89 -11.11
N SER A 6 -38.48 12.69 -10.83
CA SER A 6 -37.06 12.24 -10.74
C SER A 6 -36.37 12.82 -9.50
N LEU A 7 -35.79 11.93 -8.67
CA LEU A 7 -34.89 12.26 -7.52
C LEU A 7 -35.67 12.98 -6.42
N SER A 8 -35.88 12.30 -5.29
CA SER A 8 -36.58 12.82 -4.08
C SER A 8 -35.61 12.85 -2.89
N ILE A 9 -35.59 13.96 -2.14
CA ILE A 9 -34.79 14.12 -0.89
C ILE A 9 -35.76 14.28 0.28
N ILE A 10 -35.46 13.62 1.40
CA ILE A 10 -36.29 13.60 2.64
C ILE A 10 -35.46 14.24 3.78
N ASP A 11 -35.65 15.55 4.00
CA ASP A 11 -35.06 16.28 5.16
C ASP A 11 -35.56 15.61 6.44
N VAL A 12 -34.81 14.64 6.94
CA VAL A 12 -35.21 13.71 8.04
C VAL A 12 -35.34 14.48 9.36
N ALA A 13 -34.40 15.40 9.63
CA ALA A 13 -34.30 16.16 10.89
C ALA A 13 -35.24 17.37 10.87
N SER A 14 -36.15 17.44 9.89
CA SER A 14 -37.08 18.59 9.65
C SER A 14 -38.35 18.44 10.49
N ASP A 15 -38.45 17.38 11.31
CA ASP A 15 -39.65 17.06 12.13
C ASP A 15 -39.19 16.36 13.42
N GLN A 16 -39.94 15.36 13.88
CA GLN A 16 -39.61 14.50 15.05
C GLN A 16 -40.21 13.10 14.81
N ASN A 17 -41.48 13.06 14.40
CA ASN A 17 -42.17 11.84 13.88
C ASN A 17 -41.35 11.29 12.71
N LEU A 18 -40.96 12.19 11.78
CA LEU A 18 -40.20 11.88 10.54
C LEU A 18 -38.82 11.32 10.91
N PHE A 19 -38.15 11.95 11.89
CA PHE A 19 -36.77 11.59 12.34
C PHE A 19 -36.79 10.25 13.09
N GLN A 20 -37.73 10.07 14.03
CA GLN A 20 -37.76 8.89 14.93
C GLN A 20 -38.26 7.66 14.19
N THR A 21 -39.15 7.83 13.20
CA THR A 21 -39.61 6.75 12.29
C THR A 21 -38.50 6.44 11.25
N PHE A 22 -37.64 7.42 10.96
CA PHE A 22 -36.51 7.29 10.00
C PHE A 22 -35.45 6.33 10.59
N ILE A 23 -34.88 6.64 11.76
CA ILE A 23 -33.78 5.85 12.36
C ILE A 23 -34.33 4.48 12.78
N LYS A 24 -35.64 4.39 13.04
CA LYS A 24 -36.36 3.10 13.26
C LYS A 24 -36.23 2.26 11.99
N GLU A 25 -36.66 2.80 10.85
CA GLU A 25 -36.51 2.19 9.51
C GLU A 25 -35.03 1.82 9.28
N TRP A 26 -34.12 2.74 9.63
CA TRP A 26 -32.66 2.64 9.37
C TRP A 26 -32.04 1.51 10.20
N ARG A 27 -32.43 1.37 11.47
CA ARG A 27 -31.77 0.48 12.46
C ARG A 27 -32.11 -0.99 12.18
N CYS A 28 -32.86 -1.29 11.12
CA CYS A 28 -33.11 -2.66 10.61
C CYS A 28 -32.73 -2.77 9.13
N LYS A 29 -31.74 -1.98 8.69
CA LYS A 29 -31.21 -2.01 7.30
C LYS A 29 -29.80 -2.63 7.33
N LYS A 30 -29.57 -3.63 6.47
CA LYS A 30 -28.31 -4.40 6.36
C LYS A 30 -27.36 -3.66 5.41
N ARG A 31 -27.85 -3.30 4.21
CA ARG A 31 -27.07 -2.53 3.19
C ARG A 31 -27.69 -1.14 3.04
N PHE A 32 -26.84 -0.13 2.81
CA PHE A 32 -27.23 1.29 2.57
C PHE A 32 -25.98 2.12 2.26
N SER A 33 -26.15 3.17 1.45
CA SER A 33 -25.07 4.12 1.05
C SER A 33 -24.97 5.26 2.06
N ILE A 34 -23.87 6.01 2.01
CA ILE A 34 -23.55 7.17 2.88
C ILE A 34 -22.65 8.12 2.07
N SER A 35 -22.83 9.43 2.23
CA SER A 35 -22.05 10.47 1.52
C SER A 35 -22.07 11.79 2.30
N LEU A 36 -20.90 12.24 2.75
CA LEU A 36 -20.73 13.48 3.54
C LEU A 36 -21.03 14.70 2.66
N ALA A 37 -21.94 15.56 3.12
CA ALA A 37 -22.14 16.93 2.63
C ALA A 37 -21.11 17.84 3.30
N CYS A 38 -20.13 18.35 2.53
CA CYS A 38 -19.09 19.31 3.02
C CYS A 38 -19.10 20.63 2.20
N GLU A 39 -19.48 21.73 3.00
CA GLU A 39 -19.61 23.11 2.47
C GLU A 39 -18.49 23.99 3.03
N LYS A 40 -18.06 24.98 2.24
CA LYS A 40 -17.04 25.98 2.64
C LYS A 40 -17.71 27.16 3.34
N ILE A 41 -17.11 27.62 4.44
CA ILE A 41 -17.48 28.88 5.15
C ILE A 41 -16.96 30.05 4.30
N ARG A 42 -17.61 31.22 4.40
CA ARG A 42 -17.29 32.41 3.56
C ARG A 42 -15.89 32.93 3.92
N GLY A 43 -15.01 33.02 2.91
CA GLY A 43 -13.61 33.46 3.05
C GLY A 43 -12.91 33.57 1.70
N GLY A 45 -11.92 33.13 6.40
CA GLY A 45 -12.49 31.86 6.88
C GLY A 45 -12.81 30.93 5.72
N ASP A 46 -11.77 30.40 5.07
CA ASP A 46 -11.85 29.53 3.87
C ASP A 46 -11.65 28.07 4.29
N ASP A 47 -12.44 27.61 5.26
CA ASP A 47 -12.39 26.23 5.83
C ASP A 47 -13.69 25.50 5.46
N THR A 48 -13.62 24.20 5.19
CA THR A 48 -14.81 23.33 4.90
C THR A 48 -15.28 22.71 6.22
N LEU A 49 -16.50 22.18 6.24
CA LEU A 49 -17.18 21.65 7.46
C LEU A 49 -18.25 20.64 7.04
N VAL A 50 -18.39 19.54 7.78
CA VAL A 50 -19.45 18.50 7.58
C VAL A 50 -20.78 19.04 8.10
N VAL A 51 -21.82 19.03 7.26
CA VAL A 51 -23.13 19.69 7.51
C VAL A 51 -24.29 18.69 7.39
N GLY A 52 -24.02 17.41 7.08
CA GLY A 52 -25.09 16.40 6.92
C GLY A 52 -24.61 15.11 6.28
N LEU A 53 -25.08 13.97 6.80
CA LEU A 53 -25.10 12.65 6.10
C LEU A 53 -26.07 12.76 4.91
N ALA A 54 -26.22 11.68 4.14
CA ALA A 54 -27.15 11.60 3.00
C ALA A 54 -27.51 10.13 2.77
N VAL A 55 -27.95 9.44 3.83
CA VAL A 55 -28.25 7.99 3.83
C VAL A 55 -29.26 7.69 2.72
N CYS A 56 -29.04 6.60 1.97
CA CYS A 56 -29.97 6.04 0.94
C CYS A 56 -29.93 4.51 1.03
N TRP A 57 -31.01 3.84 0.61
CA TRP A 57 -31.12 2.36 0.66
C TRP A 57 -32.07 1.82 -0.42
N GLY A 58 -32.21 2.54 -1.56
CA GLY A 58 -33.01 2.06 -2.71
C GLY A 58 -33.57 3.17 -3.56
N GLY A 59 -33.79 2.90 -4.85
CA GLY A 59 -34.49 3.78 -5.81
C GLY A 59 -33.82 5.13 -5.98
N ARG A 60 -34.63 6.20 -6.08
CA ARG A 60 -34.17 7.60 -6.27
C ARG A 60 -34.49 8.41 -5.01
N ASP A 61 -34.50 7.76 -3.84
CA ASP A 61 -34.98 8.33 -2.55
C ASP A 61 -33.81 8.44 -1.56
N ALA A 62 -33.38 9.67 -1.28
CA ALA A 62 -32.28 10.01 -0.33
C ALA A 62 -32.88 10.55 0.97
N TYR A 63 -32.30 10.19 2.12
CA TYR A 63 -32.66 10.68 3.46
C TYR A 63 -31.54 11.58 4.00
N TYR A 64 -31.69 12.91 3.84
CA TYR A 64 -30.66 13.91 4.22
C TYR A 64 -30.80 14.25 5.71
N PHE A 65 -29.92 13.67 6.53
CA PHE A 65 -29.61 14.09 7.92
C PHE A 65 -28.93 15.46 7.84
N SER A 66 -29.10 16.32 8.86
CA SER A 66 -28.37 17.62 9.00
C SER A 66 -27.89 17.81 10.44
N LEU A 67 -26.95 18.73 10.65
CA LEU A 67 -26.35 19.06 11.98
C LEU A 67 -26.28 20.58 12.14
N LEU A 73 -29.57 21.45 11.53
CA LEU A 73 -30.44 21.75 12.71
C LEU A 73 -30.06 23.12 13.29
N ASP A 74 -31.04 24.03 13.36
CA ASP A 74 -30.87 25.46 13.74
C ASP A 74 -31.21 25.62 15.22
N PRO A 75 -30.68 26.66 15.91
CA PRO A 75 -30.86 26.87 17.36
C PRO A 75 -32.15 26.29 17.97
N SER A 76 -32.24 24.97 18.09
CA SER A 76 -33.39 24.22 18.65
C SER A 76 -32.99 23.50 19.94
N LEU A 77 -33.96 22.96 20.67
CA LEU A 77 -33.79 22.35 22.01
C LEU A 77 -34.15 20.85 21.97
N THR A 78 -34.94 20.42 20.98
CA THR A 78 -35.11 18.99 20.58
C THR A 78 -34.10 18.68 19.47
N LEU A 79 -33.78 17.39 19.28
CA LEU A 79 -32.75 16.89 18.33
C LEU A 79 -31.45 17.68 18.53
N LYS A 80 -30.83 17.52 19.70
CA LYS A 80 -29.45 17.99 19.99
C LYS A 80 -28.60 16.76 20.39
N ASP A 81 -29.10 15.55 20.11
CA ASP A 81 -28.40 14.25 20.33
C ASP A 81 -28.08 13.64 18.96
N ARG A 82 -27.67 14.50 18.01
CA ARG A 82 -27.65 14.22 16.55
C ARG A 82 -26.42 13.37 16.21
N MET A 83 -25.27 13.70 16.83
CA MET A 83 -24.00 12.95 16.72
C MET A 83 -24.18 11.55 17.30
N TRP A 84 -24.92 11.43 18.42
CA TRP A 84 -25.22 10.14 19.09
C TRP A 84 -25.93 9.21 18.11
N TYR A 85 -26.95 9.72 17.40
CA TYR A 85 -27.83 8.94 16.49
C TYR A 85 -27.03 8.37 15.33
N LEU A 86 -26.11 9.15 14.76
CA LEU A 86 -25.19 8.71 13.67
C LEU A 86 -24.17 7.71 14.23
N GLN A 87 -23.44 8.11 15.28
CA GLN A 87 -22.41 7.27 15.97
C GLN A 87 -23.02 5.92 16.38
N SER A 88 -24.32 5.89 16.67
CA SER A 88 -25.07 4.68 17.13
C SER A 88 -25.55 3.83 15.95
N CYS A 89 -25.87 4.46 14.82
CA CYS A 89 -26.28 3.78 13.56
C CYS A 89 -25.03 3.32 12.77
N LEU A 90 -23.97 4.13 12.81
CA LEU A 90 -22.64 3.82 12.19
C LEU A 90 -21.79 3.05 13.22
N ARG A 91 -22.27 1.87 13.62
CA ARG A 91 -21.67 1.05 14.72
C ARG A 91 -22.23 -0.38 14.65
N LYS A 92 -21.37 -1.37 14.41
CA LYS A 92 -21.69 -2.82 14.54
C LYS A 92 -22.15 -3.09 15.98
N GLU A 93 -23.21 -3.88 16.14
CA GLU A 93 -23.86 -4.13 17.46
C GLU A 93 -24.21 -5.62 17.59
N SER A 94 -23.30 -6.51 17.17
CA SER A 94 -23.43 -7.99 17.24
C SER A 94 -24.58 -8.47 16.36
N ASP A 95 -24.80 -9.79 16.31
CA ASP A 95 -25.89 -10.45 15.54
C ASP A 95 -25.70 -10.14 14.04
N LYS A 96 -26.09 -8.93 13.63
CA LYS A 96 -25.95 -8.42 12.24
C LYS A 96 -25.06 -7.16 12.26
N GLU A 97 -24.08 -7.09 11.35
CA GLU A 97 -23.30 -5.86 11.03
C GLU A 97 -23.67 -5.45 9.61
N CYS A 98 -23.57 -4.15 9.30
CA CYS A 98 -24.11 -3.53 8.06
C CYS A 98 -22.99 -3.31 7.04
N SER A 99 -23.27 -3.57 5.75
CA SER A 99 -22.39 -3.25 4.60
C SER A 99 -22.71 -1.82 4.15
N VAL A 100 -21.78 -0.89 4.37
CA VAL A 100 -21.98 0.59 4.20
C VAL A 100 -21.20 1.05 2.98
N VAL A 101 -21.88 1.26 1.85
CA VAL A 101 -21.22 1.63 0.54
C VAL A 101 -20.90 3.12 0.60
N ILE A 102 -19.62 3.47 0.52
CA ILE A 102 -19.06 4.84 0.64
C ILE A 102 -18.08 5.04 -0.52
N TYR A 103 -18.18 6.15 -1.26
CA TYR A 103 -17.44 6.36 -2.53
C TYR A 103 -15.94 6.48 -2.27
N ASP A 104 -15.48 7.60 -1.71
CA ASP A 104 -14.03 7.85 -1.43
C ASP A 104 -13.74 7.33 -0.02
N PHE A 105 -14.15 6.07 0.24
CA PHE A 105 -14.26 5.46 1.58
C PHE A 105 -13.05 5.81 2.45
N ILE A 106 -11.85 5.58 1.92
CA ILE A 106 -10.55 5.81 2.64
C ILE A 106 -10.60 7.22 3.25
N GLN A 107 -10.86 8.22 2.41
CA GLN A 107 -10.86 9.66 2.78
C GLN A 107 -12.11 9.97 3.62
N SER A 108 -13.29 9.58 3.14
CA SER A 108 -14.59 9.75 3.85
C SER A 108 -14.42 9.38 5.33
N TYR A 109 -13.93 8.16 5.60
CA TYR A 109 -13.69 7.64 6.98
C TYR A 109 -12.89 8.65 7.80
N LYS A 110 -11.84 9.23 7.20
CA LYS A 110 -10.95 10.23 7.86
C LYS A 110 -11.78 11.46 8.22
N ILE A 111 -12.32 12.16 7.21
CA ILE A 111 -13.06 13.45 7.36
C ILE A 111 -14.30 13.23 8.25
N LEU A 112 -14.93 12.05 8.19
CA LEU A 112 -16.09 11.68 9.05
C LEU A 112 -15.65 11.63 10.51
N LEU A 113 -14.34 11.61 10.79
CA LEU A 113 -13.76 11.53 12.15
C LEU A 113 -13.07 12.85 12.53
N LEU A 114 -12.27 13.44 11.62
CA LEU A 114 -11.48 14.67 11.90
C LEU A 114 -12.35 15.92 11.77
N SER A 115 -13.67 15.79 11.97
CA SER A 115 -14.64 16.93 12.00
C SER A 115 -15.68 16.70 13.10
N CYS A 116 -16.42 15.59 13.01
CA CYS A 116 -17.38 15.10 14.04
C CYS A 116 -16.93 13.70 14.47
N GLY A 117 -16.58 13.53 15.75
CA GLY A 117 -15.99 12.28 16.29
C GLY A 117 -16.88 11.08 16.08
N ILE A 118 -17.03 10.63 14.82
CA ILE A 118 -17.78 9.40 14.44
C ILE A 118 -16.75 8.36 13.97
N SER A 119 -16.47 7.38 14.83
CA SER A 119 -15.59 6.21 14.53
C SER A 119 -16.44 5.15 13.83
N LEU A 120 -16.71 5.36 12.54
CA LEU A 120 -17.44 4.42 11.64
C LEU A 120 -16.91 3.01 11.89
N GLU A 121 -17.76 2.09 12.37
CA GLU A 121 -17.39 0.70 12.76
C GLU A 121 -18.42 -0.28 12.19
N GLN A 122 -18.47 -0.39 10.86
CA GLN A 122 -19.30 -1.35 10.10
C GLN A 122 -18.40 -2.09 9.10
N SER A 123 -18.97 -2.94 8.25
CA SER A 123 -18.32 -3.45 7.01
C SER A 123 -18.58 -2.45 5.89
N TYR A 124 -17.61 -2.27 4.99
CA TYR A 124 -17.61 -1.21 3.94
C TYR A 124 -17.50 -1.85 2.56
N GLU A 125 -17.96 -1.12 1.54
CA GLU A 125 -17.98 -1.58 0.13
C GLU A 125 -17.83 -0.36 -0.80
N ASP A 126 -16.58 0.01 -1.10
CA ASP A 126 -16.22 1.15 -1.98
C ASP A 126 -16.39 0.71 -3.44
N PRO A 127 -17.18 1.45 -4.27
CA PRO A 127 -17.28 1.13 -5.69
C PRO A 127 -16.01 1.50 -6.48
N LYS A 128 -15.29 2.54 -6.03
CA LYS A 128 -14.05 3.05 -6.66
C LYS A 128 -12.99 1.93 -6.70
N VAL A 129 -12.99 1.04 -5.69
CA VAL A 129 -12.00 -0.08 -5.57
C VAL A 129 -12.64 -1.38 -6.07
N ALA A 130 -13.98 -1.45 -6.13
CA ALA A 130 -14.73 -2.61 -6.68
C ALA A 130 -14.51 -2.70 -8.19
N CYS A 131 -14.51 -1.56 -8.89
CA CYS A 131 -14.35 -1.46 -10.37
C CYS A 131 -12.87 -1.49 -10.74
N TRP A 132 -11.97 -1.18 -9.80
CA TRP A 132 -10.51 -1.43 -9.94
C TRP A 132 -10.28 -2.95 -9.97
N LEU A 133 -10.83 -3.65 -8.97
CA LEU A 133 -10.67 -5.11 -8.76
C LEU A 133 -11.15 -5.87 -10.01
N LEU A 134 -12.18 -5.34 -10.69
CA LEU A 134 -12.71 -5.88 -11.97
C LEU A 134 -11.63 -5.81 -13.05
N ASP A 135 -10.94 -4.67 -13.17
CA ASP A 135 -9.94 -4.39 -14.25
C ASP A 135 -8.83 -3.50 -13.69
N PRO A 136 -7.73 -4.08 -13.15
CA PRO A 136 -6.69 -3.28 -12.50
C PRO A 136 -5.85 -2.39 -13.42
N ASP A 137 -5.96 -2.59 -14.74
CA ASP A 137 -5.27 -1.75 -15.78
C ASP A 137 -6.23 -0.66 -16.27
N SER A 138 -7.39 -0.50 -15.64
CA SER A 138 -8.38 0.58 -15.91
C SER A 138 -7.80 1.92 -15.47
N GLN A 139 -8.32 3.03 -16.00
CA GLN A 139 -7.95 4.41 -15.59
C GLN A 139 -8.66 4.72 -14.26
N GLU A 140 -8.09 5.63 -13.46
CA GLU A 140 -8.60 6.01 -12.11
C GLU A 140 -10.09 6.34 -12.22
N PRO A 141 -10.99 5.54 -11.61
CA PRO A 141 -12.43 5.70 -11.80
C PRO A 141 -12.98 6.92 -11.03
N THR A 142 -13.76 7.75 -11.72
CA THR A 142 -14.52 8.89 -11.14
C THR A 142 -15.95 8.42 -10.84
N LEU A 143 -16.67 9.18 -10.02
CA LEU A 143 -18.13 9.00 -9.79
C LEU A 143 -18.84 9.02 -11.15
N HIS A 144 -18.45 9.98 -12.00
CA HIS A 144 -18.97 10.16 -13.39
C HIS A 144 -18.72 8.88 -14.21
N SER A 145 -17.47 8.40 -14.25
CA SER A 145 -17.05 7.20 -15.01
C SER A 145 -17.86 5.97 -14.56
N ILE A 146 -17.94 5.75 -13.24
CA ILE A 146 -18.72 4.66 -12.60
C ILE A 146 -20.17 4.73 -13.10
N VAL A 147 -20.76 5.93 -13.11
CA VAL A 147 -22.15 6.17 -13.58
C VAL A 147 -22.23 5.90 -15.10
N THR A 148 -21.26 6.40 -15.87
CA THR A 148 -21.25 6.34 -17.35
C THR A 148 -21.29 4.88 -17.81
N SER A 149 -20.43 4.02 -17.23
CA SER A 149 -20.39 2.56 -17.49
C SER A 149 -21.58 1.88 -16.80
N PHE A 150 -21.46 1.61 -15.50
CA PHE A 150 -22.49 0.91 -14.68
C PHE A 150 -23.60 1.92 -14.34
N LEU A 151 -24.87 1.51 -14.44
CA LEU A 151 -26.05 2.37 -14.18
C LEU A 151 -26.08 3.51 -15.20
N PRO A 152 -26.17 3.21 -16.52
CA PRO A 152 -26.04 4.23 -17.57
C PRO A 152 -26.98 5.42 -17.41
N HIS A 153 -28.27 5.17 -17.12
CA HIS A 153 -29.30 6.20 -16.83
C HIS A 153 -28.92 6.91 -15.52
N GLU A 154 -29.60 8.03 -15.22
CA GLU A 154 -29.34 8.91 -14.05
C GLU A 154 -28.03 9.66 -14.25
N LEU A 155 -27.48 9.65 -15.47
CA LEU A 155 -26.34 10.49 -15.91
C LEU A 155 -26.75 11.97 -15.89
N PRO A 156 -28.00 12.34 -16.29
CA PRO A 156 -28.43 13.74 -16.23
C PRO A 156 -28.30 14.39 -14.83
N LEU A 157 -28.26 13.60 -13.76
CA LEU A 157 -28.08 14.06 -12.36
C LEU A 157 -26.64 14.60 -12.15
N LEU A 158 -25.74 14.42 -13.13
CA LEU A 158 -24.32 14.83 -13.04
C LEU A 158 -24.05 16.08 -13.89
N GLU A 159 -24.94 16.41 -14.84
CA GLU A 159 -24.75 17.52 -15.81
C GLU A 159 -24.82 18.85 -15.04
N GLY A 160 -23.65 19.46 -14.79
CA GLY A 160 -23.50 20.70 -14.00
C GLY A 160 -22.72 20.47 -12.72
N MET A 161 -22.72 19.24 -12.21
CA MET A 161 -22.03 18.85 -10.95
C MET A 161 -20.51 18.96 -11.19
N GLU A 162 -20.01 18.31 -12.25
CA GLU A 162 -18.64 18.48 -12.81
C GLU A 162 -17.59 18.19 -11.73
N THR A 163 -17.45 16.92 -11.34
CA THR A 163 -16.40 16.42 -10.41
C THR A 163 -15.73 15.18 -11.03
N SER A 164 -14.40 15.18 -11.13
CA SER A 164 -13.58 14.10 -11.74
C SER A 164 -12.41 13.74 -10.83
N GLN A 165 -12.69 13.44 -9.56
CA GLN A 165 -11.66 13.08 -8.53
C GLN A 165 -12.31 12.30 -7.38
N GLY A 166 -12.96 12.98 -6.43
CA GLY A 166 -13.42 12.41 -5.16
C GLY A 166 -14.93 12.49 -5.00
N ILE A 167 -15.42 12.35 -3.76
CA ILE A 167 -16.86 12.45 -3.38
C ILE A 167 -17.40 13.82 -3.80
N GLN A 168 -18.72 14.02 -3.70
CA GLN A 168 -19.40 15.30 -4.02
C GLN A 168 -18.91 16.38 -3.04
N SER A 169 -18.48 15.97 -1.85
CA SER A 169 -17.78 16.83 -0.85
C SER A 169 -16.50 17.40 -1.48
N LEU A 170 -15.64 16.53 -2.03
CA LEU A 170 -14.29 16.87 -2.54
C LEU A 170 -14.38 17.84 -3.73
N GLY A 171 -15.50 17.83 -4.44
CA GLY A 171 -15.80 18.76 -5.55
C GLY A 171 -16.80 19.82 -5.12
N LEU A 172 -16.59 20.45 -3.96
CA LEU A 172 -17.43 21.57 -3.44
C LEU A 172 -16.75 22.90 -3.78
N SER A 176 -20.27 22.08 -7.25
CA SER A 176 -19.44 23.18 -6.68
C SER A 176 -20.35 24.24 -6.06
N GLU A 177 -21.15 24.92 -6.88
CA GLU A 177 -22.18 25.90 -6.42
C GLU A 177 -23.28 25.15 -5.66
N HIS A 178 -23.61 23.94 -6.14
CA HIS A 178 -24.76 23.11 -5.68
C HIS A 178 -24.64 22.85 -4.18
N SER A 179 -25.74 23.05 -3.45
CA SER A 179 -25.86 22.84 -1.98
C SER A 179 -25.29 21.46 -1.59
N GLY A 180 -24.57 21.40 -0.48
CA GLY A 180 -23.97 20.17 0.07
C GLY A 180 -24.96 19.02 0.09
N ARG A 181 -26.20 19.28 0.53
CA ARG A 181 -27.28 18.28 0.68
C ARG A 181 -27.61 17.65 -0.69
N TYR A 182 -27.73 18.47 -1.73
CA TYR A 182 -28.24 18.06 -3.06
C TYR A 182 -27.29 17.00 -3.63
N ARG A 183 -26.02 17.37 -3.80
CA ARG A 183 -24.97 16.48 -4.38
C ARG A 183 -24.74 15.28 -3.45
N ALA A 184 -24.63 15.52 -2.13
CA ALA A 184 -24.48 14.46 -1.11
C ALA A 184 -25.59 13.42 -1.28
N SER A 185 -26.81 13.89 -1.52
CA SER A 185 -28.00 13.03 -1.79
C SER A 185 -27.82 12.31 -3.13
N VAL A 186 -27.44 13.05 -4.18
CA VAL A 186 -27.25 12.51 -5.57
C VAL A 186 -26.16 11.42 -5.54
N GLU A 187 -25.05 11.66 -4.82
CA GLU A 187 -23.97 10.66 -4.59
C GLU A 187 -24.61 9.38 -4.07
N SER A 188 -25.21 9.44 -2.87
CA SER A 188 -25.78 8.29 -2.12
C SER A 188 -26.66 7.43 -3.04
N ILE A 189 -27.47 8.07 -3.90
CA ILE A 189 -28.41 7.38 -4.84
C ILE A 189 -27.58 6.57 -5.85
N LEU A 190 -26.69 7.24 -6.57
CA LEU A 190 -25.83 6.63 -7.63
C LEU A 190 -24.90 5.60 -6.96
N ILE A 191 -24.20 6.01 -5.91
CA ILE A 191 -23.23 5.16 -5.14
C ILE A 191 -23.91 3.85 -4.75
N PHE A 192 -25.10 3.91 -4.15
CA PHE A 192 -25.88 2.72 -3.70
C PHE A 192 -26.17 1.82 -4.90
N ASN A 193 -26.88 2.37 -5.91
CA ASN A 193 -27.46 1.61 -7.04
C ASN A 193 -26.35 1.07 -7.94
N SER A 194 -25.24 1.81 -8.08
CA SER A 194 -24.04 1.39 -8.87
C SER A 194 -23.35 0.22 -8.17
N MET A 195 -23.01 0.38 -6.88
CA MET A 195 -22.32 -0.65 -6.06
C MET A 195 -23.09 -1.99 -6.15
N ASN A 196 -24.41 -1.94 -6.26
CA ASN A 196 -25.29 -3.14 -6.38
C ASN A 196 -24.97 -3.87 -7.69
N GLN A 197 -24.73 -3.13 -8.78
CA GLN A 197 -24.35 -3.68 -10.11
C GLN A 197 -22.90 -4.18 -10.07
N LEU A 198 -22.01 -3.48 -9.37
CA LEU A 198 -20.59 -3.89 -9.19
C LEU A 198 -20.54 -5.19 -8.38
N ASN A 199 -21.29 -5.28 -7.28
CA ASN A 199 -21.42 -6.49 -6.43
C ASN A 199 -21.85 -7.69 -7.30
N SER A 200 -22.68 -7.46 -8.31
CA SER A 200 -23.22 -8.51 -9.22
C SER A 200 -22.09 -9.06 -10.12
N LEU A 201 -21.21 -8.18 -10.62
CA LEU A 201 -20.05 -8.54 -11.48
C LEU A 201 -19.00 -9.26 -10.63
N LEU A 202 -18.67 -8.72 -9.45
CA LEU A 202 -17.72 -9.32 -8.49
C LEU A 202 -18.20 -10.73 -8.12
N GLN A 203 -19.52 -10.92 -8.01
CA GLN A 203 -20.17 -12.24 -7.73
C GLN A 203 -19.94 -13.18 -8.93
N LYS A 204 -20.07 -12.66 -10.15
CA LYS A 204 -20.00 -13.44 -11.41
C LYS A 204 -18.63 -14.12 -11.56
N GLU A 205 -17.56 -13.52 -11.01
CA GLU A 205 -16.16 -13.97 -11.20
C GLU A 205 -15.48 -14.26 -9.86
N ASN A 206 -16.25 -14.44 -8.78
CA ASN A 206 -15.79 -14.88 -7.43
C ASN A 206 -15.17 -13.74 -6.62
N LEU A 207 -14.95 -12.55 -7.23
CA LEU A 207 -14.13 -11.46 -6.63
C LEU A 207 -14.87 -10.78 -5.45
N GLN A 208 -16.18 -11.02 -5.29
CA GLN A 208 -16.98 -10.40 -4.19
C GLN A 208 -16.44 -10.88 -2.84
N ASP A 209 -16.02 -12.14 -2.75
CA ASP A 209 -15.52 -12.78 -1.50
C ASP A 209 -14.21 -12.10 -1.07
N VAL A 210 -13.28 -11.89 -2.01
CA VAL A 210 -11.96 -11.24 -1.76
C VAL A 210 -12.18 -9.73 -1.56
N PHE A 211 -13.10 -9.12 -2.31
CA PHE A 211 -13.46 -7.68 -2.22
C PHE A 211 -13.93 -7.36 -0.79
N ARG A 212 -14.71 -8.26 -0.19
CA ARG A 212 -15.37 -8.07 1.14
C ARG A 212 -14.43 -8.50 2.27
N LYS A 213 -13.58 -9.50 2.04
CA LYS A 213 -12.78 -10.17 3.12
C LYS A 213 -11.28 -9.92 2.96
N VAL A 214 -10.85 -9.13 1.97
CA VAL A 214 -9.43 -8.71 1.80
C VAL A 214 -9.36 -7.25 1.36
N GLU A 215 -9.90 -6.91 0.19
CA GLU A 215 -9.61 -5.66 -0.52
C GLU A 215 -10.20 -4.45 0.23
N MET A 216 -11.45 -4.55 0.70
CA MET A 216 -12.09 -3.47 1.49
C MET A 216 -11.51 -3.44 2.90
N PRO A 217 -11.44 -4.59 3.64
CA PRO A 217 -10.73 -4.64 4.92
C PRO A 217 -9.33 -4.01 4.90
N SER A 218 -8.56 -4.26 3.82
CA SER A 218 -7.22 -3.66 3.57
C SER A 218 -7.33 -2.15 3.39
N GLN A 219 -8.37 -1.69 2.67
CA GLN A 219 -8.65 -0.25 2.46
C GLN A 219 -8.85 0.44 3.81
N TYR A 220 -9.61 -0.20 4.70
CA TYR A 220 -9.89 0.27 6.09
C TYR A 220 -8.58 0.33 6.87
N CYS A 221 -7.71 -0.68 6.71
CA CYS A 221 -6.36 -0.75 7.34
C CYS A 221 -5.53 0.46 6.91
N LEU A 222 -5.56 0.80 5.62
CA LEU A 222 -4.81 1.94 5.05
C LEU A 222 -5.36 3.25 5.63
N ALA A 223 -6.68 3.34 5.81
CA ALA A 223 -7.35 4.52 6.42
C ALA A 223 -6.75 4.77 7.81
N LEU A 224 -6.74 3.75 8.67
CA LEU A 224 -6.10 3.77 10.02
C LEU A 224 -4.67 4.28 9.92
N LEU A 225 -3.86 3.69 9.03
CA LEU A 225 -2.45 4.06 8.78
C LEU A 225 -2.36 5.57 8.46
N GLU A 226 -3.24 6.05 7.57
CA GLU A 226 -3.26 7.45 7.09
C GLU A 226 -3.57 8.41 8.25
N LEU A 227 -4.43 8.00 9.19
CA LEU A 227 -4.78 8.79 10.40
C LEU A 227 -3.56 8.86 11.32
N ASN A 228 -2.97 7.70 11.64
CA ASN A 228 -1.76 7.56 12.50
C ASN A 228 -0.65 8.44 11.93
N GLY A 229 -0.29 8.23 10.66
CA GLY A 229 0.87 8.87 10.01
C GLY A 229 2.16 8.18 10.41
N ILE A 230 3.28 8.92 10.43
CA ILE A 230 4.61 8.42 10.88
C ILE A 230 5.36 9.57 11.57
N GLY A 231 5.92 9.30 12.75
CA GLY A 231 6.83 10.20 13.48
C GLY A 231 8.01 10.61 12.62
N PHE A 232 8.48 11.85 12.78
CA PHE A 232 9.56 12.46 11.98
C PHE A 232 10.33 13.47 12.83
N SER A 233 11.57 13.14 13.19
CA SER A 233 12.48 14.02 13.97
C SER A 233 13.23 14.96 13.02
N THR A 234 12.80 16.22 12.95
CA THR A 234 13.50 17.32 12.22
C THR A 234 14.92 17.46 12.76
N ALA A 235 15.10 17.22 14.07
CA ALA A 235 16.41 17.23 14.77
C ALA A 235 17.37 16.24 14.11
N GLU A 236 16.97 14.96 14.04
CA GLU A 236 17.83 13.84 13.54
C GLU A 236 17.78 13.79 12.01
N CYS A 237 17.05 14.71 11.37
CA CYS A 237 17.06 14.93 9.89
C CYS A 237 18.03 16.07 9.55
N GLU A 238 18.08 17.11 10.39
CA GLU A 238 19.04 18.23 10.25
C GLU A 238 20.43 17.77 10.69
N SER A 239 20.52 16.59 11.32
CA SER A 239 21.79 15.87 11.61
C SER A 239 22.41 15.42 10.29
N GLN A 240 21.72 14.57 9.52
CA GLN A 240 22.15 14.07 8.19
C GLN A 240 22.36 15.24 7.22
N LYS A 241 21.56 16.30 7.35
CA LYS A 241 21.61 17.53 6.51
C LYS A 241 23.03 18.14 6.56
N HIS A 242 23.77 17.91 7.65
CA HIS A 242 25.16 18.40 7.87
C HIS A 242 26.18 17.26 7.72
N ILE A 243 25.89 16.07 8.26
CA ILE A 243 26.76 14.87 8.16
C ILE A 243 27.06 14.58 6.69
N MET A 244 26.03 14.66 5.82
CA MET A 244 26.13 14.38 4.36
C MET A 244 26.82 15.55 3.65
N GLN A 245 26.41 16.79 3.95
CA GLN A 245 26.88 18.02 3.26
C GLN A 245 28.34 18.32 3.65
N ALA A 246 28.75 18.04 4.88
CA ALA A 246 30.11 18.27 5.40
C ALA A 246 31.07 17.19 4.87
N LYS A 247 30.60 15.94 4.76
CA LYS A 247 31.35 14.81 4.16
C LYS A 247 30.87 14.62 2.71
N LEU A 248 30.62 15.72 1.99
CA LEU A 248 30.23 15.73 0.56
C LEU A 248 31.46 16.14 -0.28
N ASP A 249 31.99 17.34 -0.01
CA ASP A 249 33.19 17.91 -0.68
C ASP A 249 34.44 17.48 0.09
N ALA A 250 34.98 16.31 -0.25
CA ALA A 250 36.09 15.62 0.47
C ALA A 250 37.40 15.87 -0.27
N ILE A 251 38.26 14.84 -0.40
CA ILE A 251 39.57 14.92 -1.12
C ILE A 251 39.28 14.94 -2.63
N GLU A 252 39.21 16.15 -3.20
CA GLU A 252 38.83 16.41 -4.62
C GLU A 252 39.90 17.32 -5.25
N THR A 253 40.99 16.72 -5.76
CA THR A 253 42.18 17.42 -6.30
C THR A 253 41.85 18.00 -7.68
N GLN A 254 42.27 17.32 -8.76
CA GLN A 254 42.00 17.73 -10.17
C GLN A 254 42.08 16.49 -11.08
N SER A 264 32.65 21.34 -10.39
CA SER A 264 31.73 21.85 -11.44
C SER A 264 30.97 20.69 -12.09
N PHE A 265 30.11 20.02 -11.31
CA PHE A 265 29.25 18.89 -11.75
C PHE A 265 27.91 19.45 -12.24
N THR A 266 27.53 19.15 -13.49
CA THR A 266 26.30 19.66 -14.15
C THR A 266 25.46 18.49 -14.67
N SER A 267 24.96 18.57 -15.90
CA SER A 267 23.86 17.71 -16.44
C SER A 267 24.42 16.39 -17.00
N SER A 268 24.93 16.41 -18.24
CA SER A 268 25.38 15.22 -19.00
C SER A 268 26.68 15.51 -19.76
N ASP A 269 26.65 16.49 -20.67
CA ASP A 269 27.82 16.96 -21.46
C ASP A 269 28.70 17.85 -20.56
N ASP A 270 29.62 17.24 -19.82
CA ASP A 270 30.56 17.95 -18.89
C ASP A 270 31.82 17.10 -18.67
N ILE A 271 31.68 15.86 -18.21
CA ILE A 271 32.81 14.94 -17.89
C ILE A 271 33.41 14.43 -19.21
N ALA A 272 34.48 15.07 -19.67
CA ALA A 272 35.25 14.69 -20.88
C ALA A 272 36.29 13.63 -20.48
N GLU A 273 36.41 12.56 -21.26
CA GLU A 273 37.42 11.48 -21.08
C GLU A 273 38.69 11.81 -21.87
N VAL A 274 38.73 12.98 -22.52
CA VAL A 274 39.91 13.52 -23.25
C VAL A 274 40.76 14.38 -22.29
N LEU A 275 40.36 14.48 -21.02
CA LEU A 275 41.08 15.23 -19.95
C LEU A 275 42.18 14.34 -19.34
N PHE A 276 41.90 13.04 -19.20
CA PHE A 276 42.76 12.05 -18.48
C PHE A 276 43.14 10.89 -19.41
N LEU A 277 42.15 10.09 -19.84
CA LEU A 277 42.33 8.84 -20.61
C LEU A 277 40.96 8.27 -21.01
N SER A 291 34.77 3.71 -22.14
CA SER A 291 36.26 3.69 -22.04
C SER A 291 36.84 5.01 -22.58
N THR A 292 36.40 5.43 -23.78
CA THR A 292 36.74 6.74 -24.40
C THR A 292 35.50 7.31 -25.11
N SER A 293 34.30 7.02 -24.61
CA SER A 293 32.99 7.49 -25.14
C SER A 293 32.47 8.63 -24.27
N LYS A 294 31.14 8.74 -24.09
CA LYS A 294 30.47 9.81 -23.29
C LYS A 294 29.64 9.14 -22.17
N ASP A 295 28.36 9.51 -22.03
CA ASP A 295 27.37 8.90 -21.11
C ASP A 295 27.68 9.33 -19.66
N VAL A 296 28.79 8.83 -19.10
CA VAL A 296 29.32 9.19 -17.74
C VAL A 296 28.56 8.39 -16.66
N LEU A 297 27.25 8.18 -16.83
CA LEU A 297 26.40 7.40 -15.89
C LEU A 297 27.03 6.03 -15.63
N ASN A 298 27.60 5.41 -16.67
CA ASN A 298 28.25 4.07 -16.59
C ASN A 298 29.74 4.22 -16.27
N LYS A 299 30.07 4.94 -15.19
CA LYS A 299 31.43 4.97 -14.59
C LYS A 299 31.54 3.73 -13.69
N LEU A 300 31.40 2.54 -14.29
CA LEU A 300 31.25 1.25 -13.59
C LEU A 300 32.61 0.56 -13.48
N LYS A 301 33.71 1.31 -13.66
CA LYS A 301 35.10 0.84 -13.45
C LYS A 301 35.62 1.45 -12.13
N ALA A 302 36.42 2.51 -12.19
CA ALA A 302 36.96 3.26 -11.03
C ALA A 302 37.81 2.35 -10.13
N LEU A 303 38.27 1.20 -10.65
CA LEU A 303 39.06 0.19 -9.86
C LEU A 303 40.53 0.64 -9.81
N HIS A 304 41.28 0.41 -10.89
CA HIS A 304 42.70 0.85 -11.05
C HIS A 304 42.75 2.29 -11.58
N PRO A 305 41.99 2.63 -12.67
CA PRO A 305 42.04 3.99 -13.22
C PRO A 305 41.48 5.06 -12.25
N LEU A 306 42.38 5.76 -11.55
CA LEU A 306 42.11 6.93 -10.67
C LEU A 306 41.21 6.53 -9.50
N PRO A 307 41.05 7.39 -8.47
CA PRO A 307 40.04 7.19 -7.45
C PRO A 307 38.62 7.13 -8.04
N GLY A 308 38.18 8.21 -8.69
CA GLY A 308 36.84 8.32 -9.32
C GLY A 308 35.72 8.14 -8.31
N LEU A 309 35.62 9.05 -7.32
CA LEU A 309 34.62 9.01 -6.22
C LEU A 309 33.39 9.84 -6.63
N ILE A 310 32.89 9.63 -7.86
CA ILE A 310 31.84 10.47 -8.49
C ILE A 310 30.45 9.90 -8.14
N LEU A 311 30.32 8.57 -8.03
CA LEU A 311 29.02 7.89 -7.75
C LEU A 311 28.57 8.21 -6.32
N GLU A 312 29.53 8.39 -5.41
CA GLU A 312 29.28 8.75 -3.98
C GLU A 312 28.67 10.15 -3.91
N TRP A 313 29.24 11.11 -4.63
CA TRP A 313 28.74 12.52 -4.71
C TRP A 313 27.36 12.54 -5.37
N ARG A 314 27.20 11.81 -6.48
CA ARG A 314 25.94 11.72 -7.27
C ARG A 314 24.80 11.21 -6.39
N ARG A 315 25.08 10.18 -5.57
CA ARG A 315 24.10 9.54 -4.65
C ARG A 315 23.74 10.53 -3.53
N ILE A 316 24.74 11.01 -2.78
CA ILE A 316 24.55 11.85 -1.56
C ILE A 316 23.73 13.09 -1.92
N THR A 317 24.04 13.75 -3.04
CA THR A 317 23.35 14.98 -3.53
C THR A 317 21.90 14.67 -3.91
N ASN A 318 21.67 13.54 -4.60
CA ASN A 318 20.32 13.09 -5.02
C ASN A 318 19.59 12.43 -3.84
N ALA A 319 20.27 12.27 -2.70
CA ALA A 319 19.72 11.71 -1.45
C ALA A 319 19.67 12.78 -0.35
N ILE A 320 19.69 14.07 -0.71
CA ILE A 320 19.36 15.22 0.20
C ILE A 320 18.27 16.08 -0.45
N THR A 321 17.62 15.59 -1.51
CA THR A 321 16.71 16.39 -2.38
C THR A 321 15.41 15.62 -2.71
N LYS A 322 15.41 14.29 -2.66
CA LYS A 322 14.21 13.45 -2.96
C LYS A 322 13.74 12.74 -1.68
N VAL A 323 13.99 13.34 -0.51
CA VAL A 323 13.93 12.65 0.81
C VAL A 323 13.64 13.63 1.94
N VAL A 324 14.38 14.75 2.03
CA VAL A 324 14.28 15.73 3.16
C VAL A 324 13.63 17.02 2.66
N PHE A 325 14.17 17.65 1.61
CA PHE A 325 13.77 18.99 1.13
C PHE A 325 12.35 18.98 0.57
N PRO A 326 11.82 17.86 0.02
CA PRO A 326 10.40 17.77 -0.31
C PRO A 326 9.53 17.31 0.87
N LEU A 327 10.15 16.79 1.94
CA LEU A 327 9.46 16.12 3.07
C LEU A 327 9.40 17.03 4.30
N GLN A 328 10.50 17.70 4.65
CA GLN A 328 10.57 18.64 5.80
C GLN A 328 9.64 19.84 5.52
N ARG A 329 8.91 19.82 4.41
CA ARG A 329 7.88 20.83 4.04
C ARG A 329 6.48 20.26 4.28
N GLU A 330 6.33 18.94 4.43
CA GLU A 330 5.04 18.25 4.74
C GLU A 330 5.00 17.81 6.20
N LYS A 331 6.12 17.98 6.94
CA LYS A 331 6.17 17.75 8.42
C LYS A 331 5.09 18.61 9.09
N CYS A 332 4.44 18.08 10.12
CA CYS A 332 3.33 18.74 10.86
C CYS A 332 3.53 18.55 12.37
N LEU A 333 3.68 19.64 13.12
CA LEU A 333 3.72 19.63 14.61
C LEU A 333 2.32 19.25 15.12
N ASN A 334 2.22 18.13 15.83
CA ASN A 334 0.98 17.58 16.42
C ASN A 334 1.11 17.63 17.94
N PRO A 335 0.81 18.77 18.60
CA PRO A 335 1.09 18.96 20.02
C PRO A 335 0.41 17.95 20.97
N PHE A 336 -0.68 17.31 20.53
CA PHE A 336 -1.43 16.30 21.32
C PHE A 336 -0.53 15.09 21.60
N LEU A 337 0.34 14.75 20.64
CA LEU A 337 1.35 13.66 20.74
C LEU A 337 2.66 14.23 21.31
N GLY A 338 2.89 15.54 21.13
CA GLY A 338 4.11 16.23 21.58
C GLY A 338 5.30 15.88 20.70
N MET A 339 5.07 15.80 19.39
CA MET A 339 6.11 15.51 18.37
C MET A 339 5.65 16.07 17.01
N GLU A 340 6.54 16.04 16.01
CA GLU A 340 6.21 16.29 14.60
C GLU A 340 5.86 14.94 13.94
N ARG A 341 5.02 14.96 12.91
CA ARG A 341 4.63 13.78 12.11
C ARG A 341 4.36 14.22 10.67
N ILE A 342 4.32 13.27 9.74
CA ILE A 342 3.86 13.47 8.33
C ILE A 342 2.71 12.51 8.09
N TYR A 343 1.75 12.90 7.25
CA TYR A 343 0.48 12.18 7.01
C TYR A 343 0.45 11.71 5.55
N PRO A 344 0.81 10.44 5.29
CA PRO A 344 0.86 9.91 3.92
C PRO A 344 -0.54 9.67 3.35
N VAL A 345 -0.65 9.59 2.02
CA VAL A 345 -1.92 9.28 1.28
C VAL A 345 -1.70 8.02 0.46
N SER A 346 -2.16 6.87 0.95
CA SER A 346 -2.11 5.55 0.26
C SER A 346 -2.77 5.67 -1.12
N GLN A 347 -2.32 4.86 -2.08
CA GLN A 347 -2.67 5.00 -3.52
C GLN A 347 -3.58 3.84 -3.93
N SER A 348 -3.07 2.61 -3.95
CA SER A 348 -3.72 1.41 -4.56
C SER A 348 -4.05 1.73 -6.02
N HIS A 349 -4.97 1.00 -6.64
CA HIS A 349 -5.25 1.08 -8.10
C HIS A 349 -3.95 0.82 -8.87
N THR A 350 -3.20 -0.19 -8.42
CA THR A 350 -1.88 -0.61 -8.97
C THR A 350 -2.07 -1.94 -9.69
N ALA A 351 -1.55 -2.05 -10.92
CA ALA A 351 -1.72 -3.22 -11.82
C ALA A 351 -1.29 -4.51 -11.10
N THR A 352 -0.21 -4.44 -10.31
CA THR A 352 0.33 -5.56 -9.49
C THR A 352 -0.64 -5.87 -8.34
N GLY A 353 -1.00 -4.85 -7.56
CA GLY A 353 -1.81 -4.98 -6.33
C GLY A 353 -1.09 -4.40 -5.12
N ARG A 354 0.20 -4.08 -5.26
CA ARG A 354 1.03 -3.44 -4.19
C ARG A 354 0.45 -2.04 -3.92
N ILE A 355 0.41 -1.62 -2.66
CA ILE A 355 -0.08 -0.28 -2.27
C ILE A 355 1.10 0.70 -2.34
N THR A 356 0.82 1.95 -2.69
CA THR A 356 1.80 3.04 -2.92
C THR A 356 1.46 4.19 -1.95
N PHE A 357 2.18 5.31 -2.02
CA PHE A 357 1.80 6.61 -1.42
C PHE A 357 2.08 7.73 -2.43
N THR A 358 1.23 8.76 -2.45
CA THR A 358 1.35 9.95 -3.33
C THR A 358 2.47 10.84 -2.77
N GLU A 359 2.94 11.82 -3.56
CA GLU A 359 3.88 12.88 -3.10
C GLU A 359 5.16 12.23 -2.58
N PRO A 360 6.02 12.93 -1.81
CA PRO A 360 6.96 12.29 -0.90
C PRO A 360 6.51 10.91 -0.38
N ASN A 361 6.79 9.87 -1.18
CA ASN A 361 6.50 8.45 -0.88
C ASN A 361 7.62 7.92 0.05
N ILE A 362 7.27 7.52 1.27
CA ILE A 362 8.24 7.13 2.33
C ILE A 362 8.84 5.76 2.01
N GLN A 363 8.20 5.01 1.11
CA GLN A 363 8.70 3.69 0.61
C GLN A 363 10.04 3.89 -0.14
N ASN A 364 10.28 5.10 -0.67
CA ASN A 364 11.38 5.38 -1.64
C ASN A 364 12.59 6.02 -0.97
N VAL A 365 12.58 6.23 0.35
CA VAL A 365 13.76 6.78 1.09
C VAL A 365 14.85 5.71 1.06
N PRO A 366 16.10 6.04 0.67
CA PRO A 366 17.16 5.05 0.55
C PRO A 366 17.66 4.52 1.90
N ARG A 367 17.88 3.21 1.98
CA ARG A 367 18.40 2.48 3.17
C ARG A 367 19.80 2.99 3.53
N ASP A 368 20.32 2.58 4.69
CA ASP A 368 21.61 3.05 5.26
C ASP A 368 22.78 2.57 4.40
N PHE A 369 23.90 3.30 4.41
CA PHE A 369 25.16 2.92 3.71
C PHE A 369 26.35 3.72 4.27
N GLU A 370 27.57 3.22 4.04
CA GLU A 370 28.84 3.77 4.59
C GLU A 370 29.31 4.96 3.75
N ILE A 371 30.37 5.64 4.22
CA ILE A 371 31.01 6.81 3.53
C ILE A 371 32.53 6.73 3.74
N LYS A 372 33.18 7.80 4.23
CA LYS A 372 34.66 7.93 4.30
C LYS A 372 35.03 9.18 5.10
N MET A 373 36.27 9.25 5.60
CA MET A 373 36.79 10.34 6.46
C MET A 373 38.30 10.50 6.24
N GLY A 378 39.67 4.29 5.82
CA GLY A 378 40.35 4.68 7.06
C GLY A 378 39.43 4.64 8.28
N MET A 379 38.20 5.15 8.14
CA MET A 379 37.21 5.27 9.23
C MET A 379 35.80 5.41 8.63
N PRO A 380 34.83 4.55 9.00
CA PRO A 380 33.47 4.60 8.43
C PRO A 380 32.37 5.21 9.30
N PHE A 381 31.34 5.78 8.65
CA PHE A 381 30.06 6.26 9.24
C PHE A 381 28.91 5.79 8.37
N SER A 382 27.72 5.60 8.94
CA SER A 382 26.49 5.09 8.27
C SER A 382 25.39 6.16 8.30
N ILE A 383 24.84 6.52 7.13
CA ILE A 383 23.87 7.65 6.94
C ILE A 383 22.61 7.15 6.23
N SER A 384 21.49 7.85 6.46
CA SER A 384 20.18 7.72 5.76
C SER A 384 19.16 8.62 6.45
N MET A 385 18.02 8.87 5.79
CA MET A 385 16.89 9.67 6.35
C MET A 385 15.94 8.73 7.11
N ARG A 386 16.18 7.41 7.01
CA ARG A 386 15.44 6.37 7.79
C ARG A 386 15.80 6.47 9.28
N HIS A 387 16.73 7.36 9.65
CA HIS A 387 17.10 7.69 11.06
C HIS A 387 16.30 8.90 11.55
N ALA A 388 15.57 9.57 10.64
CA ALA A 388 14.69 10.74 10.93
C ALA A 388 13.22 10.31 10.82
N PHE A 389 12.93 9.02 11.04
CA PHE A 389 11.57 8.45 11.24
C PHE A 389 11.55 7.76 12.59
N VAL A 390 10.69 8.22 13.50
CA VAL A 390 10.80 7.97 14.97
C VAL A 390 9.47 7.44 15.50
N PRO A 391 9.50 6.61 16.58
CA PRO A 391 8.29 6.26 17.31
C PRO A 391 7.90 7.39 18.29
N PHE A 392 6.63 7.43 18.70
CA PHE A 392 6.11 8.36 19.73
C PHE A 392 6.87 8.12 21.03
N PRO A 393 7.27 9.19 21.77
CA PRO A 393 8.06 9.05 22.99
C PRO A 393 7.62 7.90 23.91
N GLY A 394 8.55 7.00 24.26
CA GLY A 394 8.32 5.84 25.13
C GLY A 394 7.99 4.57 24.35
N GLY A 395 7.94 4.66 23.01
CA GLY A 395 7.66 3.53 22.10
C GLY A 395 8.87 3.19 21.24
N SER A 396 8.81 2.04 20.56
CA SER A 396 9.82 1.56 19.58
C SER A 396 9.12 1.13 18.29
N ILE A 397 9.73 1.42 17.13
CA ILE A 397 9.21 1.03 15.79
C ILE A 397 9.44 -0.48 15.60
N LEU A 398 8.46 -1.16 14.99
CA LEU A 398 8.45 -2.63 14.76
C LEU A 398 8.37 -2.87 13.25
N ALA A 399 9.38 -3.54 12.68
CA ALA A 399 9.41 -3.97 11.25
C ALA A 399 9.22 -5.48 11.19
N ALA A 400 8.51 -5.97 10.17
CA ALA A 400 8.27 -7.41 9.91
C ALA A 400 8.34 -7.67 8.40
N ASP A 401 9.48 -8.20 7.92
CA ASP A 401 9.71 -8.59 6.50
C ASP A 401 9.38 -10.07 6.34
N TYR A 402 8.88 -10.46 5.16
CA TYR A 402 8.39 -11.82 4.84
C TYR A 402 9.55 -12.73 4.42
N SER A 403 10.66 -12.15 3.93
CA SER A 403 11.94 -12.84 3.60
C SER A 403 11.70 -14.00 2.63
N GLN A 404 11.91 -13.78 1.33
CA GLN A 404 11.82 -14.79 0.24
C GLN A 404 10.37 -15.25 0.06
N LEU A 405 9.43 -14.30 0.03
CA LEU A 405 7.97 -14.58 -0.06
C LEU A 405 7.63 -15.01 -1.49
N GLU A 406 8.05 -14.23 -2.49
CA GLU A 406 7.75 -14.46 -3.92
C GLU A 406 8.33 -15.81 -4.36
N LEU A 407 9.52 -16.16 -3.84
CA LEU A 407 10.15 -17.50 -3.98
C LEU A 407 9.16 -18.58 -3.51
N ARG A 408 8.68 -18.45 -2.27
CA ARG A 408 7.81 -19.44 -1.59
C ARG A 408 6.47 -19.56 -2.34
N ILE A 409 5.95 -18.45 -2.89
CA ILE A 409 4.69 -18.45 -3.71
C ILE A 409 4.90 -19.34 -4.95
N LEU A 410 6.04 -19.16 -5.63
CA LEU A 410 6.40 -19.93 -6.85
C LEU A 410 6.62 -21.40 -6.46
N ALA A 411 7.29 -21.64 -5.32
CA ALA A 411 7.51 -22.97 -4.73
C ALA A 411 6.17 -23.69 -4.52
N HIS A 412 5.11 -22.96 -4.17
CA HIS A 412 3.75 -23.50 -3.97
C HIS A 412 3.08 -23.79 -5.31
N LEU A 413 2.98 -22.77 -6.18
CA LEU A 413 2.28 -22.83 -7.49
C LEU A 413 3.00 -23.81 -8.42
N SER A 414 4.30 -23.58 -8.65
CA SER A 414 5.23 -24.56 -9.27
C SER A 414 5.53 -25.66 -8.25
N HIS A 415 4.94 -26.85 -8.41
CA HIS A 415 5.04 -27.97 -7.44
C HIS A 415 6.45 -28.58 -7.52
N ASP A 416 7.48 -27.74 -7.38
CA ASP A 416 8.90 -28.13 -7.51
C ASP A 416 9.32 -28.88 -6.24
N ARG A 417 9.45 -30.21 -6.34
CA ARG A 417 9.53 -31.15 -5.20
C ARG A 417 10.57 -30.67 -4.19
N ARG A 418 11.84 -30.57 -4.59
CA ARG A 418 12.98 -30.27 -3.68
C ARG A 418 12.99 -28.78 -3.31
N LEU A 419 12.59 -27.90 -4.24
CA LEU A 419 12.48 -26.43 -4.00
C LEU A 419 11.55 -26.19 -2.80
N ILE A 420 10.42 -26.90 -2.73
CA ILE A 420 9.48 -26.89 -1.58
C ILE A 420 10.24 -27.32 -0.32
N GLN A 421 10.90 -28.48 -0.38
CA GLN A 421 11.49 -29.19 0.80
C GLN A 421 12.69 -28.41 1.33
N VAL A 422 13.42 -27.69 0.47
CA VAL A 422 14.60 -26.83 0.86
C VAL A 422 14.11 -25.71 1.79
N LEU A 423 12.92 -25.18 1.53
CA LEU A 423 12.34 -23.98 2.23
C LEU A 423 11.71 -24.41 3.56
N ASN A 424 11.26 -25.66 3.67
CA ASN A 424 10.52 -26.19 4.85
C ASN A 424 11.49 -26.58 5.97
N THR A 425 12.78 -26.72 5.67
CA THR A 425 13.83 -27.14 6.64
C THR A 425 14.16 -26.01 7.62
N GLY A 426 13.99 -24.75 7.18
CA GLY A 426 14.30 -23.55 7.99
C GLY A 426 15.78 -23.21 7.99
N ALA A 427 16.57 -23.92 7.19
CA ALA A 427 18.01 -23.67 6.97
C ALA A 427 18.16 -22.41 6.09
N ASP A 428 19.37 -21.86 6.02
CA ASP A 428 19.71 -20.73 5.11
C ASP A 428 19.27 -21.11 3.69
N VAL A 429 18.35 -20.34 3.12
CA VAL A 429 17.57 -20.71 1.89
C VAL A 429 18.37 -20.29 0.65
N PHE A 430 19.69 -20.11 0.77
CA PHE A 430 20.59 -19.75 -0.35
C PHE A 430 21.94 -20.47 -0.20
N ARG A 431 22.43 -20.60 1.04
CA ARG A 431 23.52 -21.55 1.41
C ARG A 431 23.08 -22.97 1.01
N SER A 432 21.88 -23.38 1.42
CA SER A 432 21.31 -24.73 1.21
C SER A 432 20.84 -24.91 -0.24
N ILE A 433 20.31 -23.85 -0.87
CA ILE A 433 19.77 -23.88 -2.26
C ILE A 433 20.93 -24.06 -3.25
N ALA A 434 22.12 -23.54 -2.90
CA ALA A 434 23.37 -23.65 -3.71
C ALA A 434 23.70 -25.13 -3.92
N ALA A 435 23.70 -25.92 -2.84
CA ALA A 435 23.84 -27.39 -2.85
C ALA A 435 22.52 -28.01 -3.34
N GLU A 436 21.62 -28.37 -2.41
CA GLU A 436 20.26 -28.91 -2.64
C GLU A 436 20.26 -29.82 -3.87
N TRP A 437 20.55 -29.28 -5.05
CA TRP A 437 20.68 -30.04 -6.32
C TRP A 437 21.48 -29.27 -7.39
N LYS A 438 21.48 -27.93 -7.35
CA LYS A 438 22.21 -27.05 -8.32
C LYS A 438 23.62 -27.60 -8.55
N MET A 439 24.45 -27.64 -7.49
CA MET A 439 25.83 -28.21 -7.53
C MET A 439 25.81 -29.66 -7.02
N ILE A 440 24.61 -30.26 -6.95
CA ILE A 440 24.35 -31.72 -6.72
C ILE A 440 24.69 -32.10 -5.28
N GLU A 441 25.82 -31.63 -4.73
CA GLU A 441 26.26 -31.95 -3.36
C GLU A 441 27.11 -30.81 -2.76
N PRO A 442 27.02 -30.66 -1.43
CA PRO A 442 27.91 -29.84 -0.57
C PRO A 442 27.32 -29.81 0.85
N GLU A 443 26.22 -29.07 1.05
CA GLU A 443 25.31 -29.12 2.22
C GLU A 443 25.92 -28.42 3.43
N SER A 444 27.09 -28.89 3.91
CA SER A 444 27.77 -28.40 5.14
C SER A 444 28.92 -27.44 4.80
N VAL A 445 29.59 -27.63 3.66
CA VAL A 445 30.60 -26.71 3.09
C VAL A 445 30.31 -26.44 1.61
N GLY A 446 29.72 -25.28 1.28
CA GLY A 446 29.28 -24.88 -0.07
C GLY A 446 29.53 -23.38 -0.30
N ASP A 447 30.61 -22.83 0.26
CA ASP A 447 31.22 -21.52 -0.10
C ASP A 447 30.18 -20.39 -0.03
N ASP A 448 30.52 -19.24 -0.62
CA ASP A 448 29.63 -18.06 -0.79
C ASP A 448 29.35 -17.85 -2.28
N ASP A 449 29.04 -18.93 -3.00
CA ASP A 449 28.43 -18.90 -4.35
C ASP A 449 26.91 -18.83 -4.18
N ARG A 450 26.42 -18.87 -2.94
CA ARG A 450 25.02 -18.55 -2.56
C ARG A 450 24.65 -17.17 -3.12
N GLN A 451 25.58 -16.21 -3.05
CA GLN A 451 25.36 -14.81 -3.52
C GLN A 451 25.12 -14.83 -5.04
N GLN A 452 25.72 -15.78 -5.75
CA GLN A 452 25.53 -15.96 -7.22
C GLN A 452 24.51 -17.07 -7.49
N ALA A 453 24.12 -17.85 -6.48
CA ALA A 453 23.06 -18.88 -6.55
C ALA A 453 21.69 -18.22 -6.56
N LYS A 454 21.49 -17.19 -5.73
CA LYS A 454 20.24 -16.38 -5.66
C LYS A 454 20.16 -15.49 -6.90
N GLN A 455 21.29 -14.90 -7.33
CA GLN A 455 21.40 -14.06 -8.55
C GLN A 455 20.81 -14.81 -9.75
N ILE A 456 21.15 -16.10 -9.89
CA ILE A 456 20.61 -17.01 -10.94
C ILE A 456 19.11 -17.21 -10.68
N CYS A 457 18.75 -17.53 -9.44
CA CYS A 457 17.37 -17.86 -9.01
C CYS A 457 16.42 -16.70 -9.37
N TYR A 458 16.67 -15.51 -8.82
CA TYR A 458 15.87 -14.27 -9.03
C TYR A 458 15.96 -13.86 -10.51
N GLY A 459 17.11 -14.05 -11.14
CA GLY A 459 17.34 -13.74 -12.56
C GLY A 459 16.43 -14.51 -13.49
N ILE A 460 16.04 -15.74 -13.10
CA ILE A 460 15.16 -16.63 -13.91
C ILE A 460 13.70 -16.25 -13.71
N ILE A 461 13.29 -15.93 -12.46
CA ILE A 461 11.87 -15.60 -12.11
C ILE A 461 11.58 -14.16 -12.56
N TYR A 462 12.56 -13.25 -12.48
CA TYR A 462 12.47 -11.87 -13.01
C TYR A 462 12.24 -11.93 -14.52
N GLY A 463 12.84 -12.93 -15.18
CA GLY A 463 12.63 -13.26 -16.60
C GLY A 463 13.52 -12.42 -17.52
N MET A 464 14.68 -11.98 -17.03
CA MET A 464 15.67 -11.22 -17.83
C MET A 464 16.52 -12.21 -18.63
N GLY A 465 16.94 -11.82 -19.84
CA GLY A 465 17.77 -12.64 -20.74
C GLY A 465 19.13 -12.98 -20.13
N ALA A 466 19.78 -14.02 -20.62
CA ALA A 466 21.12 -14.48 -20.19
C ALA A 466 22.13 -13.34 -20.30
N LYS A 467 22.03 -12.55 -21.38
CA LYS A 467 22.86 -11.35 -21.67
C LYS A 467 22.95 -10.45 -20.42
N SER A 468 21.80 -9.90 -19.96
CA SER A 468 21.73 -8.85 -18.92
C SER A 468 22.07 -9.43 -17.55
N LEU A 469 21.63 -10.66 -17.26
CA LEU A 469 21.98 -11.41 -16.02
C LEU A 469 23.50 -11.58 -15.95
N GLY A 470 24.11 -12.06 -17.04
CA GLY A 470 25.56 -12.27 -17.17
C GLY A 470 26.34 -10.99 -16.91
N GLU A 471 25.88 -9.87 -17.46
CA GLU A 471 26.46 -8.52 -17.29
C GLU A 471 26.28 -8.06 -15.84
N GLN A 472 25.20 -8.51 -15.18
CA GLN A 472 24.82 -8.10 -13.79
C GLN A 472 25.70 -8.83 -12.76
N MET A 473 25.99 -10.12 -12.99
CA MET A 473 26.79 -10.97 -12.08
C MET A 473 28.29 -10.70 -12.28
N GLY A 474 28.68 -10.22 -13.47
CA GLY A 474 30.09 -9.98 -13.86
C GLY A 474 30.72 -11.22 -14.48
N ILE A 475 29.93 -11.97 -15.27
CA ILE A 475 30.36 -13.20 -16.00
C ILE A 475 30.00 -13.02 -17.48
N LYS A 476 29.98 -14.10 -18.26
CA LYS A 476 29.75 -14.07 -19.73
C LYS A 476 28.30 -14.46 -20.05
N GLU A 477 27.73 -13.84 -21.08
CA GLU A 477 26.37 -14.11 -21.64
C GLU A 477 26.19 -15.62 -21.82
N ASN A 478 27.22 -16.30 -22.32
CA ASN A 478 27.21 -17.77 -22.59
C ASN A 478 27.23 -18.54 -21.26
N ASP A 479 28.24 -18.31 -20.43
CA ASP A 479 28.46 -19.02 -19.14
C ASP A 479 27.31 -18.72 -18.18
N ALA A 480 26.65 -17.55 -18.32
CA ALA A 480 25.44 -17.17 -17.58
C ALA A 480 24.26 -18.04 -18.04
N ALA A 481 24.08 -18.16 -19.35
CA ALA A 481 23.03 -19.00 -20.00
C ALA A 481 23.22 -20.47 -19.59
N CYS A 482 24.47 -20.91 -19.43
CA CYS A 482 24.84 -22.26 -18.93
C CYS A 482 24.36 -22.43 -17.50
N TYR A 483 24.66 -21.46 -16.63
CA TYR A 483 24.32 -21.44 -15.18
C TYR A 483 22.79 -21.45 -15.02
N ILE A 484 22.07 -20.70 -15.86
CA ILE A 484 20.58 -20.66 -15.91
C ILE A 484 20.08 -22.09 -16.14
N ASP A 485 20.48 -22.72 -17.25
CA ASP A 485 20.02 -24.07 -17.67
C ASP A 485 20.45 -25.12 -16.65
N SER A 486 21.60 -24.93 -15.99
CA SER A 486 22.17 -25.86 -14.98
C SER A 486 21.52 -25.65 -13.61
N PHE A 487 20.69 -24.61 -13.47
CA PHE A 487 19.89 -24.31 -12.24
C PHE A 487 18.44 -24.78 -12.45
N LYS A 488 17.82 -24.35 -13.54
CA LYS A 488 16.38 -24.60 -13.84
C LYS A 488 16.16 -26.07 -14.22
N SER A 489 17.23 -26.80 -14.57
CA SER A 489 17.22 -28.28 -14.76
C SER A 489 17.24 -28.96 -13.40
N ARG A 490 18.07 -28.43 -12.49
CA ARG A 490 18.26 -28.96 -11.11
C ARG A 490 17.03 -28.60 -10.26
N TYR A 491 16.29 -27.56 -10.65
CA TYR A 491 14.95 -27.18 -10.10
C TYR A 491 13.95 -27.09 -11.26
N THR A 492 13.55 -28.24 -11.80
CA THR A 492 12.82 -28.38 -13.09
C THR A 492 11.42 -27.76 -13.02
N GLY A 493 10.95 -27.36 -11.84
CA GLY A 493 9.62 -26.75 -11.62
C GLY A 493 9.48 -25.37 -12.23
N ILE A 494 10.49 -24.52 -12.07
CA ILE A 494 10.44 -23.05 -12.40
C ILE A 494 9.97 -22.87 -13.85
N ASN A 495 10.64 -23.54 -14.79
CA ASN A 495 10.47 -23.31 -16.26
C ASN A 495 9.17 -23.94 -16.76
N GLN A 496 8.77 -25.10 -16.21
CA GLN A 496 7.51 -25.80 -16.59
C GLN A 496 6.30 -25.03 -16.03
N PHE A 497 6.50 -24.26 -14.96
CA PHE A 497 5.48 -23.36 -14.36
C PHE A 497 5.23 -22.18 -15.30
N MET A 498 6.30 -21.46 -15.66
CA MET A 498 6.25 -20.23 -16.52
C MET A 498 5.61 -20.57 -17.86
N THR A 499 6.02 -21.67 -18.50
CA THR A 499 5.49 -22.16 -19.81
C THR A 499 4.03 -22.57 -19.65
N GLU A 500 3.62 -23.04 -18.46
CA GLU A 500 2.22 -23.43 -18.14
C GLU A 500 1.37 -22.15 -18.07
N THR A 501 1.76 -21.19 -17.23
CA THR A 501 0.98 -19.97 -16.91
C THR A 501 0.91 -19.02 -18.11
N VAL A 502 1.92 -19.05 -18.99
CA VAL A 502 1.98 -18.19 -20.22
C VAL A 502 1.00 -18.74 -21.26
N LYS A 503 0.85 -20.06 -21.35
CA LYS A 503 -0.08 -20.74 -22.29
C LYS A 503 -1.51 -20.57 -21.77
N ASN A 504 -1.70 -20.64 -20.45
CA ASN A 504 -2.98 -20.33 -19.76
C ASN A 504 -3.40 -18.90 -20.13
N CYS A 505 -2.48 -17.94 -19.98
CA CYS A 505 -2.68 -16.49 -20.28
C CYS A 505 -2.98 -16.28 -21.77
N LYS A 506 -2.40 -17.11 -22.64
CA LYS A 506 -2.57 -17.01 -24.12
C LYS A 506 -4.00 -17.41 -24.50
N ARG A 507 -4.57 -18.42 -23.83
CA ARG A 507 -5.91 -18.99 -24.16
C ARG A 507 -7.02 -18.24 -23.41
N ASP A 508 -6.74 -17.77 -22.19
CA ASP A 508 -7.70 -17.01 -21.33
C ASP A 508 -7.83 -15.57 -21.84
N GLY A 509 -6.69 -14.90 -22.06
CA GLY A 509 -6.60 -13.45 -22.32
C GLY A 509 -6.23 -12.69 -21.06
N PHE A 510 -6.09 -13.40 -19.94
CA PHE A 510 -5.78 -12.87 -18.59
C PHE A 510 -5.12 -13.96 -17.75
N VAL A 511 -4.50 -13.57 -16.63
CA VAL A 511 -3.98 -14.48 -15.57
C VAL A 511 -4.52 -14.00 -14.23
N GLN A 512 -4.83 -14.93 -13.33
CA GLN A 512 -5.39 -14.64 -11.98
C GLN A 512 -4.39 -15.11 -10.92
N THR A 513 -4.22 -14.32 -9.85
CA THR A 513 -3.28 -14.56 -8.72
C THR A 513 -3.89 -15.65 -7.82
N ILE A 514 -3.30 -15.88 -6.64
CA ILE A 514 -3.70 -16.98 -5.72
C ILE A 514 -5.05 -16.68 -5.06
N LEU A 515 -5.45 -15.40 -4.99
CA LEU A 515 -6.78 -14.99 -4.45
C LEU A 515 -7.80 -14.83 -5.58
N GLY A 516 -7.38 -15.02 -6.83
CA GLY A 516 -8.26 -15.09 -8.01
C GLY A 516 -8.46 -13.75 -8.69
N ARG A 517 -7.76 -12.70 -8.25
CA ARG A 517 -7.84 -11.34 -8.86
C ARG A 517 -7.20 -11.40 -10.25
N ARG A 518 -8.03 -11.29 -11.30
CA ARG A 518 -7.61 -11.39 -12.72
C ARG A 518 -6.90 -10.10 -13.15
N ARG A 519 -5.86 -10.21 -14.00
CA ARG A 519 -5.30 -9.11 -14.79
C ARG A 519 -5.31 -9.51 -16.27
N TYR A 520 -5.90 -8.66 -17.12
CA TYR A 520 -6.09 -8.90 -18.57
C TYR A 520 -4.89 -8.32 -19.34
N LEU A 521 -4.36 -9.11 -20.29
CA LEU A 521 -3.17 -8.74 -21.12
C LEU A 521 -3.49 -8.98 -22.59
N PRO A 522 -3.70 -7.91 -23.40
CA PRO A 522 -3.94 -8.07 -24.83
C PRO A 522 -2.64 -8.28 -25.62
N GLY A 523 -1.48 -8.00 -25.00
CA GLY A 523 -0.15 -8.09 -25.62
C GLY A 523 0.28 -9.52 -25.88
N ILE A 524 -0.34 -10.50 -25.21
CA ILE A 524 0.04 -11.94 -25.28
C ILE A 524 -0.40 -12.53 -26.64
N LYS A 525 -1.13 -11.77 -27.46
CA LYS A 525 -1.53 -12.15 -28.85
C LYS A 525 -0.68 -11.39 -29.88
N ASP A 526 -0.04 -10.27 -29.48
CA ASP A 526 0.63 -9.30 -30.38
C ASP A 526 1.61 -10.02 -31.31
N ASN A 527 1.63 -9.63 -32.59
CA ASN A 527 2.53 -10.20 -33.64
C ASN A 527 3.99 -9.90 -33.29
N ASN A 528 4.27 -8.64 -32.91
CA ASN A 528 5.63 -8.16 -32.51
C ASN A 528 6.19 -9.09 -31.43
N PRO A 529 7.41 -9.66 -31.61
CA PRO A 529 7.99 -10.57 -30.63
C PRO A 529 8.32 -9.89 -29.28
N TYR A 530 8.84 -8.66 -29.31
CA TYR A 530 9.21 -7.86 -28.12
C TYR A 530 7.96 -7.58 -27.27
N ARG A 531 6.86 -7.18 -27.92
CA ARG A 531 5.58 -6.80 -27.26
C ARG A 531 4.99 -8.01 -26.54
N LYS A 532 4.92 -9.16 -27.22
CA LYS A 532 4.41 -10.44 -26.65
C LYS A 532 5.35 -10.91 -25.54
N ALA A 533 6.67 -10.88 -25.79
CA ALA A 533 7.72 -11.25 -24.81
C ALA A 533 7.55 -10.41 -23.53
N HIS A 534 7.29 -9.11 -23.68
CA HIS A 534 7.01 -8.17 -22.57
C HIS A 534 5.75 -8.61 -21.83
N ALA A 535 4.70 -8.97 -22.57
CA ALA A 535 3.39 -9.45 -22.04
C ALA A 535 3.60 -10.75 -21.25
N GLU A 536 4.55 -11.60 -21.67
CA GLU A 536 4.86 -12.90 -21.01
C GLU A 536 5.46 -12.64 -19.62
N ARG A 537 6.39 -11.70 -19.51
CA ARG A 537 7.11 -11.39 -18.24
C ARG A 537 6.28 -10.39 -17.41
N GLN A 538 5.22 -9.81 -18.00
CA GLN A 538 4.15 -9.08 -17.25
C GLN A 538 3.29 -10.12 -16.53
N ALA A 539 2.86 -11.18 -17.24
CA ALA A 539 2.00 -12.26 -16.74
C ALA A 539 2.64 -12.94 -15.52
N ILE A 540 3.91 -13.34 -15.63
CA ILE A 540 4.65 -14.07 -14.56
C ILE A 540 4.81 -13.15 -13.33
N ASN A 541 5.07 -11.85 -13.55
CA ASN A 541 5.31 -10.88 -12.46
C ASN A 541 4.04 -10.78 -11.60
N THR A 542 2.89 -10.59 -12.24
CA THR A 542 1.59 -10.25 -11.59
C THR A 542 1.08 -11.47 -10.81
N ILE A 543 1.24 -12.68 -11.34
CA ILE A 543 0.79 -13.94 -10.68
C ILE A 543 1.71 -14.26 -9.49
N VAL A 544 2.94 -13.74 -9.48
CA VAL A 544 3.95 -14.01 -8.42
C VAL A 544 3.91 -12.87 -7.37
N GLN A 545 4.31 -11.66 -7.74
CA GLN A 545 4.43 -10.50 -6.79
C GLN A 545 3.10 -9.75 -6.71
N GLY A 546 2.02 -10.28 -7.30
CA GLY A 546 0.63 -9.90 -7.00
C GLY A 546 0.09 -10.74 -5.86
N SER A 547 0.31 -12.05 -5.91
CA SER A 547 0.01 -13.03 -4.83
C SER A 547 0.78 -12.67 -3.55
N ALA A 548 1.89 -11.92 -3.69
CA ALA A 548 2.68 -11.37 -2.57
C ALA A 548 1.90 -10.20 -1.93
N ALA A 549 1.32 -9.33 -2.77
CA ALA A 549 0.44 -8.21 -2.35
C ALA A 549 -0.81 -8.76 -1.68
N ASP A 550 -1.29 -9.94 -2.10
CA ASP A 550 -2.52 -10.59 -1.58
C ASP A 550 -2.30 -11.09 -0.15
N ILE A 551 -1.16 -11.75 0.11
CA ILE A 551 -0.81 -12.35 1.43
C ILE A 551 -0.58 -11.23 2.44
N VAL A 552 0.11 -10.15 2.03
CA VAL A 552 0.43 -8.99 2.91
C VAL A 552 -0.84 -8.22 3.25
N LYS A 553 -1.86 -8.24 2.37
CA LYS A 553 -3.22 -7.70 2.66
C LYS A 553 -3.84 -8.55 3.78
N ILE A 554 -4.01 -9.85 3.52
CA ILE A 554 -4.60 -10.84 4.47
C ILE A 554 -3.86 -10.72 5.81
N ALA A 555 -2.55 -10.50 5.76
CA ALA A 555 -1.68 -10.35 6.95
C ALA A 555 -2.10 -9.12 7.77
N THR A 556 -2.27 -7.97 7.11
CA THR A 556 -2.55 -6.65 7.75
C THR A 556 -3.95 -6.64 8.39
N VAL A 557 -4.93 -7.28 7.77
CA VAL A 557 -6.34 -7.30 8.26
C VAL A 557 -6.45 -8.28 9.44
N ASN A 558 -5.82 -9.46 9.33
CA ASN A 558 -5.81 -10.51 10.37
C ASN A 558 -5.03 -10.01 11.60
N ILE A 559 -3.98 -9.21 11.38
CA ILE A 559 -3.21 -8.53 12.47
C ILE A 559 -4.17 -7.58 13.19
N GLN A 560 -4.74 -6.61 12.47
CA GLN A 560 -5.63 -5.55 13.02
C GLN A 560 -6.75 -6.19 13.85
N LYS A 561 -7.44 -7.19 13.29
CA LYS A 561 -8.54 -7.94 13.97
C LYS A 561 -8.02 -8.51 15.30
N GLN A 562 -6.81 -9.07 15.31
CA GLN A 562 -6.16 -9.68 16.51
C GLN A 562 -5.54 -8.58 17.39
N LEU A 563 -5.26 -7.40 16.81
CA LEU A 563 -4.51 -6.30 17.47
C LEU A 563 -5.45 -5.49 18.38
N GLU A 564 -6.70 -5.28 17.96
CA GLU A 564 -7.73 -4.52 18.71
C GLU A 564 -8.60 -5.51 19.52
N THR A 565 -7.99 -6.18 20.49
CA THR A 565 -8.63 -7.22 21.34
C THR A 565 -8.09 -7.12 22.78
N PHE A 566 -6.90 -7.67 23.04
CA PHE A 566 -6.21 -7.69 24.36
C PHE A 566 -6.09 -6.25 24.87
N HIS A 567 -5.80 -5.32 23.97
CA HIS A 567 -5.58 -3.87 24.25
C HIS A 567 -6.93 -3.18 24.43
N SER A 568 -7.34 -2.96 25.68
CA SER A 568 -8.60 -2.28 26.08
C SER A 568 -8.56 -0.82 25.64
N THR A 569 -7.40 -0.16 25.81
CA THR A 569 -7.08 1.16 25.21
C THR A 569 -7.16 1.02 23.69
N PHE A 570 -8.01 1.82 23.03
CA PHE A 570 -8.54 1.56 21.68
C PHE A 570 -7.60 2.16 20.61
N LYS A 571 -8.14 2.42 19.41
CA LYS A 571 -7.48 2.19 18.10
C LYS A 571 -6.49 3.32 17.75
N SER A 572 -6.55 3.83 16.52
CA SER A 572 -5.53 4.70 15.88
C SER A 572 -5.35 6.02 16.62
N HIS A 573 -4.36 6.84 16.20
CA HIS A 573 -4.11 8.20 16.71
C HIS A 573 -5.29 9.12 16.37
N GLY A 574 -6.00 8.83 15.27
CA GLY A 574 -7.25 9.49 14.88
C GLY A 574 -8.35 9.27 15.92
N HIS A 575 -8.51 8.02 16.37
CA HIS A 575 -9.50 7.61 17.40
C HIS A 575 -8.93 7.91 18.80
N ARG A 576 -8.60 9.17 19.06
CA ARG A 576 -7.97 9.65 20.32
C ARG A 576 -7.84 11.18 20.27
N GLU A 577 -7.34 11.72 19.15
CA GLU A 577 -7.29 13.17 18.84
C GLU A 577 -8.64 13.61 18.24
N GLY A 578 -9.53 12.65 17.94
CA GLY A 578 -10.77 12.88 17.18
C GLY A 578 -12.01 12.23 17.79
N MET A 579 -11.92 10.97 18.23
CA MET A 579 -13.09 10.20 18.73
C MET A 579 -13.26 10.39 20.24
N LEU A 580 -12.19 10.29 21.03
CA LEU A 580 -12.20 10.66 22.48
C LEU A 580 -12.57 12.15 22.58
N GLN A 581 -12.29 12.91 21.52
CA GLN A 581 -12.67 14.33 21.36
C GLN A 581 -14.19 14.44 21.15
N SER A 582 -14.88 13.34 20.80
CA SER A 582 -16.35 13.23 20.72
C SER A 582 -16.78 11.75 20.66
N ASP A 583 -16.97 11.10 21.81
CA ASP A 583 -17.54 9.73 21.93
C ASP A 583 -18.58 9.72 23.04
N CYS A 589 -4.91 8.55 30.67
CA CYS A 589 -4.98 7.53 29.60
C CYS A 589 -3.65 7.45 28.86
N PRO A 590 -2.79 6.43 29.13
CA PRO A 590 -1.50 6.32 28.47
C PRO A 590 -1.65 5.76 27.04
N ILE A 591 -0.53 5.45 26.38
CA ILE A 591 -0.48 5.09 24.92
C ILE A 591 -0.06 3.62 24.78
N ARG A 592 -0.79 2.71 25.44
CA ARG A 592 -0.63 1.24 25.28
C ARG A 592 -1.15 0.84 23.89
N GLY A 593 -0.61 -0.24 23.32
CA GLY A 593 -1.01 -0.79 22.00
C GLY A 593 -0.02 -0.44 20.90
N GLY A 594 -0.27 -0.95 19.69
CA GLY A 594 0.55 -0.71 18.48
C GLY A 594 -0.33 -0.37 17.29
N PHE A 595 0.17 0.49 16.38
CA PHE A 595 -0.59 1.08 15.24
C PHE A 595 0.17 0.83 13.93
N PHE A 596 -0.56 0.68 12.82
CA PHE A 596 -0.01 0.50 11.45
C PHE A 596 0.54 1.84 10.96
N ILE A 597 1.82 1.85 10.55
CA ILE A 597 2.61 3.09 10.28
C ILE A 597 3.04 3.15 8.81
N LEU A 598 3.58 2.07 8.23
CA LEU A 598 4.09 2.03 6.84
C LEU A 598 3.90 0.63 6.22
N GLN A 599 3.63 0.60 4.91
CA GLN A 599 3.52 -0.63 4.09
C GLN A 599 4.69 -0.63 3.08
N LEU A 600 5.62 -1.59 3.21
CA LEU A 600 6.81 -1.74 2.33
C LEU A 600 6.66 -3.03 1.50
N HIS A 601 5.57 -3.15 0.74
CA HIS A 601 5.33 -4.19 -0.28
C HIS A 601 5.23 -5.57 0.38
N ASP A 602 6.35 -6.12 0.86
CA ASP A 602 6.41 -7.44 1.55
C ASP A 602 6.80 -7.23 3.03
N GLU A 603 7.03 -5.99 3.45
CA GLU A 603 7.42 -5.62 4.84
C GLU A 603 6.36 -4.67 5.41
N LEU A 604 6.02 -4.85 6.69
CA LEU A 604 5.07 -3.99 7.44
C LEU A 604 5.82 -3.24 8.55
N LEU A 605 5.51 -1.96 8.73
CA LEU A 605 6.04 -1.12 9.85
C LEU A 605 4.90 -0.81 10.82
N TYR A 606 5.09 -1.15 12.09
CA TYR A 606 4.20 -0.80 13.23
C TYR A 606 4.97 0.12 14.19
N GLU A 607 4.23 0.79 15.08
CA GLU A 607 4.77 1.73 16.10
C GLU A 607 4.15 1.37 17.44
N VAL A 608 4.90 0.68 18.31
CA VAL A 608 4.38 0.04 19.55
C VAL A 608 5.02 0.71 20.77
N ALA A 609 4.30 0.70 21.90
CA ALA A 609 4.78 1.16 23.22
C ALA A 609 5.73 0.11 23.81
N GLU A 610 6.87 0.57 24.36
CA GLU A 610 7.97 -0.29 24.90
C GLU A 610 7.42 -1.21 25.99
N GLU A 611 6.40 -0.76 26.73
CA GLU A 611 5.74 -1.51 27.83
C GLU A 611 5.34 -2.91 27.35
N ASP A 612 4.64 -3.00 26.22
CA ASP A 612 4.01 -4.25 25.70
C ASP A 612 4.43 -4.49 24.25
N VAL A 613 5.70 -4.22 23.93
CA VAL A 613 6.27 -4.35 22.54
C VAL A 613 6.59 -5.83 22.25
N VAL A 614 6.65 -6.67 23.27
CA VAL A 614 6.97 -8.13 23.16
C VAL A 614 5.67 -8.91 22.87
N GLN A 615 4.55 -8.51 23.48
CA GLN A 615 3.23 -9.19 23.35
C GLN A 615 2.69 -9.00 21.93
N VAL A 616 3.04 -7.89 21.27
CA VAL A 616 2.57 -7.53 19.90
C VAL A 616 3.35 -8.36 18.86
N ALA A 617 4.68 -8.43 18.99
CA ALA A 617 5.60 -9.07 18.01
C ALA A 617 5.16 -10.52 17.75
N GLN A 618 4.65 -11.18 18.79
CA GLN A 618 4.07 -12.56 18.73
C GLN A 618 2.82 -12.54 17.84
N ILE A 619 1.98 -11.50 17.98
CA ILE A 619 0.72 -11.31 17.20
C ILE A 619 1.10 -11.14 15.72
N VAL A 620 2.16 -10.37 15.43
CA VAL A 620 2.60 -10.01 14.04
C VAL A 620 3.15 -11.27 13.37
N LYS A 621 4.11 -11.95 14.01
CA LYS A 621 4.76 -13.18 13.49
C LYS A 621 3.68 -14.22 13.18
N ASN A 622 3.00 -14.72 14.22
CA ASN A 622 2.02 -15.85 14.14
C ASN A 622 0.97 -15.56 13.06
N GLU A 623 0.57 -14.30 12.89
CA GLU A 623 -0.51 -13.88 11.96
C GLU A 623 0.01 -13.89 10.52
N MET A 624 1.23 -13.35 10.29
CA MET A 624 1.88 -13.29 8.97
C MET A 624 2.28 -14.70 8.52
N GLU A 625 2.75 -15.54 9.46
CA GLU A 625 3.24 -16.91 9.19
C GLU A 625 2.08 -17.85 8.88
N SER A 626 0.84 -17.46 9.21
CA SER A 626 -0.39 -18.28 9.00
C SER A 626 -1.40 -17.57 8.10
N ALA A 627 -1.07 -16.39 7.56
CA ALA A 627 -1.96 -15.57 6.70
C ALA A 627 -2.69 -16.47 5.70
N VAL A 628 -1.92 -17.20 4.88
CA VAL A 628 -2.41 -18.29 3.98
C VAL A 628 -1.64 -19.56 4.32
N LYS A 629 -2.34 -20.71 4.39
CA LYS A 629 -1.72 -22.04 4.61
C LYS A 629 -1.25 -22.58 3.25
N LEU A 630 0.06 -22.57 3.03
CA LEU A 630 0.73 -23.04 1.78
C LEU A 630 1.41 -24.38 2.05
N SER A 631 1.95 -25.00 0.99
CA SER A 631 2.79 -26.23 1.03
C SER A 631 4.21 -25.88 1.48
N VAL A 632 4.52 -24.58 1.60
CA VAL A 632 5.84 -24.05 2.05
C VAL A 632 5.63 -23.18 3.30
N LYS A 633 6.43 -23.40 4.34
CA LYS A 633 6.38 -22.65 5.62
C LYS A 633 6.74 -21.18 5.37
N LEU A 634 5.79 -20.27 5.61
CA LEU A 634 6.01 -18.79 5.55
C LEU A 634 6.74 -18.36 6.82
N LYS A 635 8.05 -18.07 6.70
CA LYS A 635 8.88 -17.51 7.79
C LYS A 635 8.89 -15.98 7.68
N VAL A 636 9.10 -15.29 8.80
CA VAL A 636 9.19 -13.80 8.88
C VAL A 636 10.34 -13.42 9.82
N LYS A 637 11.05 -12.34 9.51
CA LYS A 637 12.14 -11.75 10.35
C LYS A 637 11.69 -10.37 10.82
N VAL A 638 11.59 -10.17 12.15
CA VAL A 638 11.13 -8.90 12.78
C VAL A 638 12.35 -8.15 13.33
N LYS A 639 12.36 -6.82 13.18
CA LYS A 639 13.39 -5.90 13.71
C LYS A 639 12.72 -4.81 14.57
N ILE A 640 13.33 -4.48 15.71
CA ILE A 640 12.78 -3.50 16.71
C ILE A 640 13.88 -2.46 17.00
N GLY A 641 13.52 -1.17 17.02
CA GLY A 641 14.49 -0.08 17.28
C GLY A 641 13.83 1.28 17.50
N ALA A 642 14.66 2.33 17.60
CA ALA A 642 14.28 3.73 17.89
C ALA A 642 14.07 4.51 16.59
N SER A 643 14.22 3.85 15.44
CA SER A 643 13.92 4.38 14.08
C SER A 643 13.58 3.19 13.17
N TRP A 644 13.89 3.26 11.88
CA TRP A 644 14.04 2.06 11.01
C TRP A 644 15.40 2.12 10.30
N GLY A 645 16.39 2.67 11.00
CA GLY A 645 17.83 2.33 10.90
C GLY A 645 18.30 1.71 12.20
N GLU A 646 17.94 0.44 12.42
CA GLU A 646 18.03 -0.26 13.74
C GLU A 646 18.23 -1.77 13.54
N LEU A 647 18.60 -2.47 14.62
CA LEU A 647 18.92 -3.93 14.62
C LEU A 647 17.67 -4.73 15.02
N LYS A 648 17.81 -6.01 15.40
CA LYS A 648 16.71 -7.01 15.39
C LYS A 648 16.59 -7.74 16.73
N ASP A 649 15.49 -8.49 16.90
CA ASP A 649 15.25 -9.48 17.97
C ASP A 649 13.94 -10.24 17.67
#